data_7ZY6
#
_entry.id   7ZY6
#
_cell.length_a   45.944
_cell.length_b   78.806
_cell.length_c   97.039
_cell.angle_alpha   90.000
_cell.angle_beta   90.000
_cell.angle_gamma   90.000
#
_symmetry.space_group_name_H-M   'P 21 21 21'
#
loop_
_entity.id
_entity.type
_entity.pdbx_description
1 polymer 'HUMAN PROTO-ONCOGENE C-KIT'
2 non-polymer 5-imidazo[1,2-a]pyridin-3-yl-~{N}-[(1~{R})-1-(6-pyrrolidin-1-ylpyridin-3-yl)ethyl]pyridin-3-amine
3 water water
#
_entity_poly.entity_id   1
_entity_poly.type   'polypeptide(L)'
_entity_poly.pdbx_seq_one_letter_code
;PMYEVQWKVVEEINGNNYVYIDPTQLPYDHKWEFPRNRLSFGKTLGAGAFGKVVEATAYGLIKSDAAMTVAVKMLKPSAH
LTEREALMSELKVLSYLGNHMNIVNLLGACTIGGPTLVITEYCCYGDLLNFLRRKRDSFICSKTEPAIMEDDELALDLED
LLSFSYQVAKGMAFLASKNCIHRDLAARNILLTHGRITKICDFGLARDIKNDSNYVVKGNARLPVKWMAPESIFNCVYTF
ESDVWSYGIFLWELFSLGSSPYPGMPVDSKFYKMIKEGFRMLSPEHAPAEMYDIMKTCWDADPLKRPTFKQIVQLIEKQI
SESTNHI
;
_entity_poly.pdbx_strand_id   A
#
# COMPACT_ATOMS: atom_id res chain seq x y z
N TRP A 7 -9.99 -1.09 3.70
CA TRP A 7 -9.76 0.19 4.35
C TRP A 7 -11.02 0.71 5.12
N LYS A 8 -10.95 1.95 5.64
CA LYS A 8 -12.04 2.62 6.37
C LYS A 8 -12.10 4.13 6.00
N VAL A 9 -13.30 4.75 6.13
CA VAL A 9 -13.52 6.19 5.88
C VAL A 9 -14.07 6.75 7.19
N VAL A 10 -13.23 6.79 8.23
CA VAL A 10 -13.56 7.21 9.59
C VAL A 10 -13.97 8.68 9.72
N GLU A 11 -14.65 9.00 10.84
CA GLU A 11 -15.14 10.32 11.22
C GLU A 11 -14.03 11.37 11.38
N ASP A 22 -18.03 5.22 5.98
CA ASP A 22 -18.49 3.94 5.45
C ASP A 22 -18.29 3.84 3.93
N PRO A 23 -17.69 2.75 3.42
CA PRO A 23 -17.45 2.64 1.97
C PRO A 23 -18.71 2.53 1.12
N THR A 24 -19.79 1.89 1.63
CA THR A 24 -21.03 1.82 0.85
C THR A 24 -21.76 3.16 0.84
N GLN A 25 -21.54 3.99 1.87
CA GLN A 25 -22.13 5.33 1.90
C GLN A 25 -21.59 6.22 0.79
N LEU A 26 -20.34 5.99 0.36
CA LEU A 26 -19.72 6.74 -0.72
C LEU A 26 -20.49 6.59 -2.02
N PRO A 27 -20.60 7.67 -2.79
CA PRO A 27 -21.31 7.57 -4.07
C PRO A 27 -20.39 7.19 -5.24
N TYR A 28 -21.00 6.82 -6.38
CA TYR A 28 -20.24 6.49 -7.57
C TYR A 28 -20.50 7.56 -8.61
N ASP A 29 -19.44 8.30 -9.00
CA ASP A 29 -19.55 9.32 -10.04
C ASP A 29 -19.47 8.60 -11.37
N HIS A 30 -20.49 8.75 -12.22
CA HIS A 30 -20.50 8.08 -13.53
C HIS A 30 -19.54 8.72 -14.57
N LYS A 31 -18.77 9.75 -14.16
CA LYS A 31 -17.73 10.38 -15.00
C LYS A 31 -16.57 9.41 -15.31
N TRP A 32 -16.39 8.37 -14.48
CA TRP A 32 -15.38 7.33 -14.62
C TRP A 32 -15.82 6.22 -15.59
N GLU A 33 -17.09 6.19 -16.00
CA GLU A 33 -17.59 5.14 -16.85
C GLU A 33 -16.88 5.11 -18.21
N PHE A 34 -16.08 4.06 -18.40
CA PHE A 34 -15.28 3.75 -19.57
C PHE A 34 -15.73 2.41 -20.15
N PRO A 35 -15.88 2.30 -21.49
CA PRO A 35 -16.34 1.03 -22.08
C PRO A 35 -15.34 -0.11 -22.15
N ARG A 36 -15.76 -1.30 -21.72
CA ARG A 36 -15.01 -2.55 -21.74
C ARG A 36 -14.32 -2.83 -23.09
N ASN A 37 -14.94 -2.40 -24.20
CA ASN A 37 -14.38 -2.65 -25.52
C ASN A 37 -13.09 -1.85 -25.85
N ARG A 38 -12.79 -0.75 -25.12
CA ARG A 38 -11.55 -0.01 -25.38
C ARG A 38 -10.39 -0.39 -24.45
N LEU A 39 -10.43 -1.62 -23.89
CA LEU A 39 -9.39 -2.22 -23.04
C LEU A 39 -8.89 -3.50 -23.71
N SER A 40 -7.56 -3.69 -23.72
CA SER A 40 -6.94 -4.88 -24.32
C SER A 40 -6.06 -5.56 -23.24
N PHE A 41 -6.58 -6.60 -22.57
CA PHE A 41 -5.88 -7.28 -21.46
C PHE A 41 -4.55 -7.97 -21.85
N GLY A 42 -3.56 -7.85 -20.95
CA GLY A 42 -2.23 -8.39 -21.14
C GLY A 42 -1.67 -9.13 -19.93
N LYS A 43 -0.36 -8.95 -19.67
CA LYS A 43 0.33 -9.64 -18.58
C LYS A 43 -0.32 -9.40 -17.20
N THR A 44 -0.78 -10.49 -16.58
CA THR A 44 -1.40 -10.43 -15.25
C THR A 44 -0.33 -10.03 -14.24
N LEU A 45 -0.47 -8.84 -13.66
CA LEU A 45 0.51 -8.31 -12.72
C LEU A 45 0.44 -8.96 -11.33
N GLY A 46 -0.76 -9.05 -10.75
CA GLY A 46 -0.98 -9.65 -9.45
C GLY A 46 -2.14 -10.63 -9.51
N ALA A 47 -2.16 -11.63 -8.61
CA ALA A 47 -3.25 -12.62 -8.60
C ALA A 47 -3.48 -13.23 -7.20
N GLY A 48 -4.74 -13.28 -6.82
CA GLY A 48 -5.20 -13.80 -5.54
C GLY A 48 -6.23 -14.89 -5.69
N ALA A 49 -6.93 -15.21 -4.60
CA ALA A 49 -7.90 -16.32 -4.65
C ALA A 49 -9.20 -15.93 -5.34
N PHE A 50 -9.64 -14.68 -5.18
CA PHE A 50 -10.89 -14.25 -5.81
C PHE A 50 -10.73 -13.17 -6.85
N GLY A 51 -9.60 -12.48 -6.88
CA GLY A 51 -9.37 -11.41 -7.84
C GLY A 51 -7.96 -11.33 -8.36
N LYS A 52 -7.69 -10.40 -9.30
CA LYS A 52 -6.37 -10.20 -9.89
C LYS A 52 -6.20 -8.86 -10.59
N VAL A 53 -4.96 -8.37 -10.73
CA VAL A 53 -4.65 -7.11 -11.44
C VAL A 53 -4.02 -7.47 -12.81
N VAL A 54 -4.51 -6.87 -13.90
CA VAL A 54 -4.01 -7.18 -15.23
C VAL A 54 -3.44 -5.92 -15.90
N GLU A 55 -2.28 -6.00 -16.57
CA GLU A 55 -1.73 -4.86 -17.30
C GLU A 55 -2.45 -4.78 -18.65
N ALA A 56 -3.43 -3.89 -18.76
CA ALA A 56 -4.22 -3.75 -20.00
C ALA A 56 -3.81 -2.50 -20.83
N THR A 57 -4.32 -2.39 -22.07
CA THR A 57 -4.08 -1.25 -22.95
C THR A 57 -5.42 -0.56 -23.23
N ALA A 58 -5.59 0.65 -22.69
CA ALA A 58 -6.79 1.46 -22.81
C ALA A 58 -6.67 2.47 -23.93
N TYR A 59 -7.36 2.20 -25.05
CA TYR A 59 -7.33 3.07 -26.22
C TYR A 59 -8.29 4.25 -26.04
N GLY A 60 -7.73 5.44 -25.85
CA GLY A 60 -8.48 6.67 -25.64
C GLY A 60 -9.03 6.80 -24.24
N LEU A 61 -8.15 7.09 -23.27
CA LEU A 61 -8.57 7.21 -21.87
C LEU A 61 -8.26 8.61 -21.28
N ILE A 62 -7.05 9.12 -21.51
CA ILE A 62 -6.70 10.45 -21.03
C ILE A 62 -6.86 11.37 -22.22
N LYS A 63 -6.15 11.09 -23.33
CA LYS A 63 -6.31 11.90 -24.54
C LYS A 63 -7.64 11.53 -25.25
N SER A 64 -7.99 12.26 -26.33
CA SER A 64 -9.22 12.01 -27.07
C SER A 64 -9.26 10.56 -27.59
N ASP A 65 -8.18 10.14 -28.27
CA ASP A 65 -7.97 8.80 -28.80
C ASP A 65 -6.46 8.57 -28.96
N ALA A 66 -5.84 8.19 -27.83
CA ALA A 66 -4.43 7.83 -27.68
C ALA A 66 -4.40 6.63 -26.73
N ALA A 67 -3.76 5.53 -27.15
CA ALA A 67 -3.69 4.33 -26.32
C ALA A 67 -2.79 4.54 -25.12
N MET A 68 -3.15 3.95 -23.99
CA MET A 68 -2.32 4.07 -22.78
C MET A 68 -2.34 2.78 -21.96
N THR A 69 -1.34 2.59 -21.08
CA THR A 69 -1.25 1.35 -20.31
C THR A 69 -1.84 1.54 -18.93
N VAL A 70 -2.77 0.67 -18.56
CA VAL A 70 -3.46 0.74 -17.29
C VAL A 70 -3.33 -0.59 -16.54
N ALA A 71 -3.74 -0.61 -15.28
CA ALA A 71 -3.78 -1.83 -14.48
C ALA A 71 -5.25 -2.00 -14.13
N VAL A 72 -5.91 -2.97 -14.76
CA VAL A 72 -7.32 -3.23 -14.50
C VAL A 72 -7.47 -4.26 -13.40
N LYS A 73 -8.09 -3.86 -12.29
CA LYS A 73 -8.35 -4.78 -11.19
C LYS A 73 -9.72 -5.39 -11.45
N MET A 74 -9.81 -6.69 -11.26
CA MET A 74 -11.02 -7.43 -11.53
C MET A 74 -11.08 -8.69 -10.64
N LEU A 75 -12.17 -9.45 -10.72
CA LEU A 75 -12.29 -10.68 -9.95
C LEU A 75 -12.47 -11.88 -10.89
N LYS A 76 -12.08 -13.06 -10.40
CA LYS A 76 -12.27 -14.32 -11.09
C LYS A 76 -13.75 -14.73 -10.95
N PRO A 77 -14.32 -15.56 -11.85
CA PRO A 77 -15.73 -15.96 -11.70
C PRO A 77 -16.09 -16.72 -10.39
N SER A 78 -15.05 -17.04 -9.57
CA SER A 78 -15.17 -17.69 -8.25
C SER A 78 -15.49 -16.70 -7.12
N ALA A 79 -15.46 -15.39 -7.41
CA ALA A 79 -15.79 -14.37 -6.42
C ALA A 79 -17.30 -14.17 -6.46
N HIS A 80 -17.93 -14.19 -5.29
CA HIS A 80 -19.37 -14.04 -5.11
C HIS A 80 -19.76 -12.64 -4.60
N LEU A 81 -21.05 -12.37 -4.42
CA LEU A 81 -21.64 -11.07 -4.11
C LEU A 81 -20.91 -10.21 -3.10
N THR A 82 -20.43 -10.76 -1.98
CA THR A 82 -19.72 -9.96 -0.98
C THR A 82 -18.41 -9.47 -1.54
N GLU A 83 -17.69 -10.36 -2.24
CA GLU A 83 -16.41 -10.13 -2.89
C GLU A 83 -16.59 -9.12 -4.06
N ARG A 84 -17.72 -9.19 -4.78
CA ARG A 84 -18.06 -8.28 -5.88
C ARG A 84 -18.45 -6.90 -5.34
N GLU A 85 -19.19 -6.85 -4.22
CA GLU A 85 -19.58 -5.59 -3.58
C GLU A 85 -18.42 -4.94 -2.83
N ALA A 86 -17.40 -5.76 -2.42
CA ALA A 86 -16.16 -5.28 -1.83
C ALA A 86 -15.40 -4.49 -2.90
N LEU A 87 -15.40 -4.97 -4.17
CA LEU A 87 -14.76 -4.30 -5.30
C LEU A 87 -15.47 -3.00 -5.71
N MET A 88 -16.79 -2.94 -5.59
CA MET A 88 -17.52 -1.70 -5.89
C MET A 88 -17.21 -0.64 -4.84
N SER A 89 -16.99 -1.04 -3.57
CA SER A 89 -16.67 -0.14 -2.45
C SER A 89 -15.26 0.40 -2.61
N GLU A 90 -14.31 -0.47 -3.06
CA GLU A 90 -12.90 -0.16 -3.36
C GLU A 90 -12.88 0.99 -4.37
N LEU A 91 -13.70 0.87 -5.42
CA LEU A 91 -13.88 1.81 -6.49
C LEU A 91 -14.40 3.14 -6.00
N LYS A 92 -15.46 3.12 -5.18
CA LYS A 92 -16.11 4.30 -4.61
C LYS A 92 -15.14 5.13 -3.79
N VAL A 93 -14.27 4.46 -3.00
CA VAL A 93 -13.26 5.07 -2.14
C VAL A 93 -12.22 5.78 -2.99
N LEU A 94 -11.68 5.08 -4.02
CA LEU A 94 -10.66 5.65 -4.89
C LEU A 94 -11.18 6.87 -5.62
N SER A 95 -12.45 6.82 -6.07
CA SER A 95 -13.11 7.94 -6.74
C SER A 95 -13.17 9.15 -5.83
N TYR A 96 -13.45 8.89 -4.54
CA TYR A 96 -13.57 9.86 -3.48
C TYR A 96 -12.21 10.50 -3.24
N LEU A 97 -11.18 9.68 -2.88
CA LEU A 97 -9.81 10.13 -2.60
C LEU A 97 -9.27 11.02 -3.70
N GLY A 98 -9.67 10.76 -4.93
CA GLY A 98 -9.21 11.55 -6.06
C GLY A 98 -7.76 11.31 -6.40
N ASN A 99 -7.02 12.40 -6.65
CA ASN A 99 -5.65 12.27 -7.11
C ASN A 99 -4.58 12.73 -6.14
N HIS A 100 -3.48 12.00 -6.22
CA HIS A 100 -2.26 12.27 -5.49
C HIS A 100 -1.13 11.61 -6.21
N MET A 101 -0.05 12.33 -6.34
CA MET A 101 1.19 11.93 -6.98
C MET A 101 1.71 10.61 -6.45
N ASN A 102 1.54 10.39 -5.15
CA ASN A 102 2.09 9.22 -4.50
C ASN A 102 1.08 8.15 -4.16
N ILE A 103 -0.01 8.03 -4.93
CA ILE A 103 -0.97 6.92 -4.79
C ILE A 103 -1.24 6.29 -6.16
N VAL A 104 -1.69 5.02 -6.23
CA VAL A 104 -2.02 4.42 -7.52
C VAL A 104 -3.38 5.00 -7.92
N ASN A 105 -3.37 5.99 -8.81
CA ASN A 105 -4.56 6.75 -9.16
C ASN A 105 -5.56 6.06 -10.06
N LEU A 106 -6.84 6.23 -9.69
CA LEU A 106 -7.99 5.71 -10.41
C LEU A 106 -8.10 6.43 -11.74
N LEU A 107 -8.20 5.67 -12.80
CA LEU A 107 -8.31 6.23 -14.14
C LEU A 107 -9.68 6.04 -14.77
N GLY A 108 -10.56 5.27 -14.15
CA GLY A 108 -11.87 4.98 -14.70
C GLY A 108 -12.36 3.61 -14.29
N ALA A 109 -13.58 3.25 -14.71
CA ALA A 109 -14.17 1.97 -14.36
C ALA A 109 -15.19 1.49 -15.42
N CYS A 110 -15.52 0.18 -15.38
CA CYS A 110 -16.53 -0.45 -16.21
C CYS A 110 -17.39 -1.16 -15.20
N THR A 111 -18.57 -0.61 -14.93
CA THR A 111 -19.53 -1.17 -13.97
C THR A 111 -20.82 -1.67 -14.66
N ILE A 112 -21.15 -1.03 -15.81
CA ILE A 112 -22.29 -1.21 -16.68
C ILE A 112 -21.86 -1.97 -17.94
N GLY A 113 -22.47 -3.12 -18.18
CA GLY A 113 -22.13 -3.95 -19.31
C GLY A 113 -21.51 -5.29 -18.93
N GLY A 114 -21.27 -5.50 -17.62
CA GLY A 114 -20.68 -6.72 -17.09
C GLY A 114 -20.27 -6.62 -15.63
N PRO A 115 -19.17 -7.30 -15.28
CA PRO A 115 -18.69 -7.23 -13.88
C PRO A 115 -17.84 -5.98 -13.63
N THR A 116 -17.54 -5.70 -12.35
CA THR A 116 -16.74 -4.53 -12.02
C THR A 116 -15.28 -4.64 -12.50
N LEU A 117 -14.82 -3.62 -13.25
CA LEU A 117 -13.44 -3.50 -13.70
C LEU A 117 -12.96 -2.16 -13.18
N VAL A 118 -11.92 -2.15 -12.33
CA VAL A 118 -11.39 -0.90 -11.80
C VAL A 118 -10.06 -0.59 -12.48
N ILE A 119 -10.07 0.34 -13.46
CA ILE A 119 -8.94 0.80 -14.28
C ILE A 119 -8.14 1.88 -13.55
N THR A 120 -6.88 1.60 -13.22
CA THR A 120 -5.98 2.52 -12.49
C THR A 120 -4.65 2.68 -13.23
N GLU A 121 -3.79 3.61 -12.75
CA GLU A 121 -2.43 3.82 -13.25
C GLU A 121 -1.65 2.51 -13.15
N TYR A 122 -0.75 2.28 -14.08
CA TYR A 122 0.10 1.11 -14.09
C TYR A 122 1.49 1.55 -13.66
N CYS A 123 2.12 0.85 -12.70
CA CYS A 123 3.48 1.20 -12.28
C CYS A 123 4.46 0.16 -12.81
N CYS A 124 5.12 0.49 -13.92
CA CYS A 124 6.08 -0.30 -14.71
C CYS A 124 7.17 -1.04 -13.92
N TYR A 125 7.65 -0.50 -12.79
CA TYR A 125 8.69 -1.20 -12.01
C TYR A 125 8.11 -2.16 -10.95
N GLY A 126 6.82 -2.45 -11.00
CA GLY A 126 6.17 -3.36 -10.06
C GLY A 126 6.20 -2.85 -8.63
N ASP A 127 6.13 -3.76 -7.64
CA ASP A 127 6.16 -3.35 -6.24
C ASP A 127 7.58 -3.04 -5.78
N LEU A 128 7.67 -2.22 -4.73
CA LEU A 128 8.91 -1.79 -4.12
C LEU A 128 9.63 -2.94 -3.45
N LEU A 129 8.89 -3.87 -2.82
CA LEU A 129 9.50 -4.99 -2.13
C LEU A 129 10.32 -5.86 -3.07
N ASN A 130 9.76 -6.27 -4.20
CA ASN A 130 10.50 -7.07 -5.18
C ASN A 130 11.58 -6.28 -5.90
N PHE A 131 11.37 -4.97 -6.06
CA PHE A 131 12.35 -4.10 -6.68
C PHE A 131 13.58 -3.99 -5.77
N LEU A 132 13.36 -3.86 -4.44
CA LEU A 132 14.41 -3.74 -3.44
C LEU A 132 15.21 -5.01 -3.37
N ARG A 133 14.54 -6.16 -3.46
CA ARG A 133 15.23 -7.44 -3.40
C ARG A 133 16.04 -7.69 -4.66
N ARG A 134 15.56 -7.20 -5.82
CA ARG A 134 16.29 -7.28 -7.08
C ARG A 134 17.56 -6.41 -6.98
N LYS A 135 17.40 -5.16 -6.45
CA LYS A 135 18.50 -4.20 -6.22
C LYS A 135 19.47 -4.62 -5.09
N ARG A 136 19.05 -5.54 -4.23
CA ARG A 136 19.90 -6.03 -3.15
C ARG A 136 20.96 -6.97 -3.73
N ASP A 137 22.22 -6.50 -3.75
CA ASP A 137 23.44 -7.18 -4.21
C ASP A 137 23.26 -8.14 -5.40
N GLU A 153 17.10 -0.77 -13.45
CA GLU A 153 18.45 -1.08 -13.95
C GLU A 153 19.55 -0.19 -13.36
N LEU A 154 19.22 0.69 -12.38
CA LEU A 154 20.23 1.59 -11.79
C LEU A 154 20.32 1.46 -10.27
N ALA A 155 21.55 1.42 -9.75
CA ALA A 155 21.85 1.30 -8.32
C ALA A 155 21.05 2.24 -7.44
N LEU A 156 20.62 1.72 -6.31
CA LEU A 156 19.85 2.48 -5.36
C LEU A 156 20.80 3.01 -4.32
N ASP A 157 20.79 4.32 -4.11
CA ASP A 157 21.65 4.94 -3.12
C ASP A 157 20.85 5.43 -1.91
N LEU A 158 21.49 6.18 -0.99
CA LEU A 158 20.79 6.67 0.18
C LEU A 158 19.77 7.73 -0.21
N GLU A 159 20.08 8.58 -1.21
CA GLU A 159 19.14 9.61 -1.65
C GLU A 159 17.87 8.98 -2.25
N ASP A 160 18.00 7.81 -2.90
CA ASP A 160 16.87 7.08 -3.46
C ASP A 160 16.00 6.57 -2.33
N LEU A 161 16.60 6.03 -1.26
CA LEU A 161 15.84 5.52 -0.13
C LEU A 161 15.17 6.59 0.67
N LEU A 162 15.85 7.73 0.83
CA LEU A 162 15.26 8.86 1.55
C LEU A 162 14.08 9.42 0.77
N SER A 163 14.16 9.39 -0.57
CA SER A 163 13.09 9.85 -1.43
C SER A 163 11.85 9.01 -1.21
N PHE A 164 11.96 7.68 -1.20
CA PHE A 164 10.81 6.83 -0.97
C PHE A 164 10.20 7.07 0.40
N SER A 165 11.00 7.41 1.39
CA SER A 165 10.51 7.73 2.73
C SER A 165 9.58 8.93 2.67
N TYR A 166 10.06 10.02 2.03
CA TYR A 166 9.32 11.25 1.85
C TYR A 166 8.06 11.01 1.00
N GLN A 167 8.20 10.35 -0.15
CA GLN A 167 7.11 10.09 -1.06
C GLN A 167 6.01 9.27 -0.44
N VAL A 168 6.36 8.16 0.24
CA VAL A 168 5.36 7.33 0.90
C VAL A 168 4.73 8.10 2.04
N ALA A 169 5.53 8.87 2.82
CA ALA A 169 5.00 9.70 3.89
C ALA A 169 3.99 10.71 3.34
N LYS A 170 4.32 11.44 2.25
CA LYS A 170 3.40 12.39 1.61
C LYS A 170 2.06 11.74 1.21
N GLY A 171 2.13 10.56 0.56
CA GLY A 171 0.98 9.81 0.11
C GLY A 171 0.12 9.33 1.27
N MET A 172 0.76 8.94 2.37
CA MET A 172 0.03 8.50 3.55
C MET A 172 -0.57 9.68 4.28
N ALA A 173 0.13 10.82 4.31
CA ALA A 173 -0.37 12.07 4.89
C ALA A 173 -1.61 12.51 4.13
N PHE A 174 -1.62 12.34 2.79
CA PHE A 174 -2.75 12.65 1.93
C PHE A 174 -3.91 11.67 2.19
N LEU A 175 -3.62 10.39 2.47
CA LEU A 175 -4.67 9.43 2.76
C LEU A 175 -5.32 9.77 4.09
N ALA A 176 -4.50 10.10 5.10
CA ALA A 176 -5.02 10.51 6.40
C ALA A 176 -5.81 11.82 6.25
N SER A 177 -5.32 12.76 5.41
CA SER A 177 -5.98 14.02 5.12
C SER A 177 -7.41 13.79 4.61
N LYS A 178 -7.63 12.73 3.83
CA LYS A 178 -8.96 12.42 3.31
C LYS A 178 -9.72 11.47 4.24
N ASN A 179 -9.42 11.50 5.54
CA ASN A 179 -10.00 10.68 6.60
C ASN A 179 -10.02 9.21 6.24
N CYS A 180 -8.94 8.73 5.61
CA CYS A 180 -8.86 7.35 5.16
C CYS A 180 -7.71 6.58 5.82
N ILE A 181 -7.90 5.25 6.01
CA ILE A 181 -6.94 4.35 6.67
C ILE A 181 -6.66 3.09 5.84
N HIS A 182 -5.42 2.90 5.38
CA HIS A 182 -4.94 1.79 4.56
C HIS A 182 -5.12 0.40 5.17
N ARG A 183 -4.66 0.22 6.43
CA ARG A 183 -4.73 -1.05 7.17
C ARG A 183 -3.73 -2.12 6.66
N ASP A 184 -3.02 -1.88 5.53
CA ASP A 184 -2.00 -2.82 5.03
C ASP A 184 -0.90 -2.08 4.29
N LEU A 185 -0.29 -1.12 4.94
CA LEU A 185 0.80 -0.35 4.37
C LEU A 185 2.12 -1.11 4.55
N ALA A 186 2.72 -1.56 3.46
CA ALA A 186 3.98 -2.30 3.45
C ALA A 186 4.70 -2.09 2.11
N ALA A 187 6.02 -2.41 2.03
CA ALA A 187 6.73 -2.29 0.76
C ALA A 187 6.09 -3.11 -0.37
N ARG A 188 5.30 -4.15 -0.05
CA ARG A 188 4.61 -4.95 -1.08
C ARG A 188 3.40 -4.20 -1.67
N ASN A 189 2.75 -3.37 -0.83
CA ASN A 189 1.61 -2.56 -1.20
C ASN A 189 2.01 -1.14 -1.62
N ILE A 190 3.29 -0.92 -1.97
CA ILE A 190 3.83 0.33 -2.48
C ILE A 190 4.45 -0.06 -3.81
N LEU A 191 4.04 0.60 -4.87
CA LEU A 191 4.57 0.33 -6.19
C LEU A 191 5.56 1.39 -6.59
N LEU A 192 6.40 1.10 -7.57
CA LEU A 192 7.40 2.04 -8.04
C LEU A 192 7.20 2.27 -9.54
N THR A 193 6.90 3.51 -9.96
CA THR A 193 6.71 3.82 -11.37
C THR A 193 7.92 4.61 -11.94
N HIS A 194 7.82 5.07 -13.21
CA HIS A 194 8.83 5.84 -13.94
C HIS A 194 9.29 7.06 -13.16
N GLY A 195 10.55 7.42 -13.30
CA GLY A 195 11.12 8.56 -12.58
C GLY A 195 11.31 8.30 -11.10
N ARG A 196 11.35 7.01 -10.72
CA ARG A 196 11.51 6.52 -9.35
C ARG A 196 10.53 7.20 -8.38
N ILE A 197 9.22 7.10 -8.72
CA ILE A 197 8.08 7.64 -7.97
C ILE A 197 7.37 6.46 -7.31
N THR A 198 7.28 6.47 -5.99
CA THR A 198 6.57 5.42 -5.29
C THR A 198 5.11 5.79 -5.13
N LYS A 199 4.22 4.88 -5.48
CA LYS A 199 2.80 5.07 -5.32
C LYS A 199 2.20 4.02 -4.38
N ILE A 200 1.45 4.45 -3.34
CA ILE A 200 0.79 3.57 -2.38
C ILE A 200 -0.44 2.94 -3.02
N CYS A 201 -0.57 1.62 -2.94
CA CYS A 201 -1.68 0.90 -3.55
C CYS A 201 -2.23 -0.15 -2.59
N ASP A 202 -3.08 -1.03 -3.06
CA ASP A 202 -3.58 -2.15 -2.29
C ASP A 202 -3.98 -3.26 -3.23
N PHE A 203 -3.26 -4.39 -3.19
CA PHE A 203 -3.60 -5.53 -4.02
C PHE A 203 -4.94 -6.08 -3.52
N GLY A 204 -5.05 -6.32 -2.22
CA GLY A 204 -6.28 -6.81 -1.63
C GLY A 204 -6.61 -8.20 -2.15
N LEU A 205 -7.82 -8.37 -2.69
CA LEU A 205 -8.25 -9.64 -3.28
C LEU A 205 -7.31 -10.13 -4.40
N ALA A 206 -6.46 -9.24 -4.94
CA ALA A 206 -5.54 -9.51 -6.03
C ALA A 206 -4.20 -10.06 -5.61
N ARG A 207 -4.05 -10.54 -4.37
CA ARG A 207 -2.82 -11.18 -3.96
C ARG A 207 -3.08 -12.47 -3.19
N ASP A 208 -2.29 -13.48 -3.47
CA ASP A 208 -2.45 -14.79 -2.90
C ASP A 208 -1.99 -14.86 -1.44
N ILE A 209 -2.86 -14.46 -0.49
CA ILE A 209 -2.50 -14.51 0.94
C ILE A 209 -2.24 -15.93 1.47
N LYS A 210 -2.68 -16.95 0.72
CA LYS A 210 -2.44 -18.34 1.08
C LYS A 210 -0.93 -18.63 1.10
N ASN A 211 -0.24 -18.37 -0.03
CA ASN A 211 1.19 -18.68 -0.16
C ASN A 211 2.12 -17.58 0.39
N ASP A 212 1.62 -16.34 0.51
CA ASP A 212 2.44 -15.26 1.06
C ASP A 212 2.57 -15.52 2.56
N SER A 213 3.77 -15.96 2.98
CA SER A 213 4.05 -16.25 4.39
C SER A 213 4.11 -15.01 5.31
N ASN A 214 3.95 -13.80 4.75
CA ASN A 214 3.91 -12.59 5.55
C ASN A 214 2.52 -12.38 6.19
N TYR A 215 1.50 -13.16 5.76
CA TYR A 215 0.11 -13.16 6.22
C TYR A 215 -0.12 -14.38 7.09
N VAL A 216 -0.40 -14.16 8.37
CA VAL A 216 -0.57 -15.22 9.35
C VAL A 216 -2.06 -15.54 9.59
N VAL A 217 -2.43 -16.82 9.76
CA VAL A 217 -3.80 -17.22 10.06
C VAL A 217 -4.13 -16.81 11.53
N LYS A 218 -5.35 -16.28 11.77
CA LYS A 218 -5.75 -15.81 13.10
C LYS A 218 -7.10 -16.38 13.59
N GLY A 219 -7.42 -17.59 13.17
CA GLY A 219 -8.65 -18.27 13.57
C GLY A 219 -9.92 -17.80 12.85
N ASN A 220 -9.85 -16.65 12.17
CA ASN A 220 -10.99 -16.07 11.44
C ASN A 220 -10.68 -15.42 10.07
N ALA A 221 -9.40 -15.06 9.86
CA ALA A 221 -8.86 -14.40 8.65
C ALA A 221 -7.29 -14.38 8.70
N ARG A 222 -6.61 -14.02 7.58
CA ARG A 222 -5.15 -13.92 7.53
C ARG A 222 -4.71 -12.46 7.59
N LEU A 223 -3.87 -12.12 8.57
CA LEU A 223 -3.43 -10.74 8.77
C LEU A 223 -1.90 -10.52 8.72
N PRO A 224 -1.43 -9.32 8.31
CA PRO A 224 0.03 -9.06 8.29
C PRO A 224 0.52 -8.65 9.68
N VAL A 225 0.64 -9.64 10.56
CA VAL A 225 0.97 -9.45 11.95
C VAL A 225 2.21 -8.58 12.19
N LYS A 226 3.35 -8.91 11.54
CA LYS A 226 4.63 -8.19 11.70
C LYS A 226 4.55 -6.67 11.43
N TRP A 227 3.58 -6.21 10.62
CA TRP A 227 3.39 -4.79 10.29
C TRP A 227 2.25 -4.13 11.08
N MET A 228 1.62 -4.82 12.04
CA MET A 228 0.48 -4.27 12.78
C MET A 228 0.82 -3.70 14.15
N ALA A 229 0.05 -2.67 14.56
CA ALA A 229 0.24 -2.02 15.84
C ALA A 229 -0.43 -2.83 16.99
N PRO A 230 -0.18 -2.51 18.30
CA PRO A 230 -0.80 -3.32 19.37
C PRO A 230 -2.32 -3.28 19.39
N GLU A 231 -2.91 -2.08 19.24
CA GLU A 231 -4.36 -1.95 19.21
C GLU A 231 -4.98 -2.70 18.03
N SER A 232 -4.24 -2.87 16.93
CA SER A 232 -4.72 -3.61 15.78
C SER A 232 -4.64 -5.10 16.11
N ILE A 233 -3.50 -5.57 16.61
CA ILE A 233 -3.32 -6.98 16.92
C ILE A 233 -4.26 -7.48 18.02
N PHE A 234 -4.24 -6.82 19.21
CA PHE A 234 -5.01 -7.20 20.39
C PHE A 234 -6.46 -6.64 20.51
N ASN A 235 -6.84 -5.60 19.72
CA ASN A 235 -8.19 -5.01 19.82
C ASN A 235 -8.87 -4.77 18.46
N CYS A 236 -8.16 -4.94 17.35
CA CYS A 236 -8.66 -4.68 16.00
C CYS A 236 -9.00 -3.20 15.74
N VAL A 237 -8.38 -2.32 16.50
CA VAL A 237 -8.54 -0.88 16.38
C VAL A 237 -7.67 -0.42 15.22
N TYR A 238 -8.30 -0.16 14.06
CA TYR A 238 -7.57 0.32 12.90
C TYR A 238 -7.76 1.82 12.79
N THR A 239 -6.87 2.59 13.41
CA THR A 239 -6.93 4.05 13.35
C THR A 239 -5.70 4.59 12.60
N PHE A 240 -5.69 5.88 12.22
CA PHE A 240 -4.55 6.50 11.53
C PHE A 240 -3.23 6.23 12.25
N GLU A 241 -3.28 6.24 13.58
CA GLU A 241 -2.15 6.04 14.49
C GLU A 241 -1.54 4.66 14.30
N SER A 242 -2.39 3.64 14.10
CA SER A 242 -1.90 2.29 13.85
C SER A 242 -1.26 2.18 12.47
N ASP A 243 -1.78 2.94 11.48
CA ASP A 243 -1.20 3.01 10.14
C ASP A 243 0.22 3.60 10.16
N VAL A 244 0.59 4.32 11.24
CA VAL A 244 1.90 4.93 11.44
C VAL A 244 2.90 3.88 11.94
N TRP A 245 2.46 2.91 12.79
CA TRP A 245 3.36 1.83 13.23
C TRP A 245 3.73 0.98 11.99
N SER A 246 2.74 0.73 11.12
CA SER A 246 2.89 -0.01 9.87
C SER A 246 3.88 0.70 8.97
N TYR A 247 3.82 2.05 8.92
CA TYR A 247 4.75 2.90 8.19
C TYR A 247 6.16 2.72 8.73
N GLY A 248 6.31 2.62 10.05
CA GLY A 248 7.60 2.35 10.67
C GLY A 248 8.18 1.02 10.24
N ILE A 249 7.29 -0.01 10.13
CA ILE A 249 7.69 -1.33 9.64
C ILE A 249 8.12 -1.28 8.18
N PHE A 250 7.47 -0.42 7.37
CA PHE A 250 7.87 -0.20 5.97
C PHE A 250 9.26 0.46 5.97
N LEU A 251 9.48 1.53 6.78
CA LEU A 251 10.78 2.21 6.88
C LEU A 251 11.88 1.20 7.14
N TRP A 252 11.60 0.23 8.01
CA TRP A 252 12.53 -0.83 8.33
C TRP A 252 12.91 -1.68 7.13
N GLU A 253 11.93 -2.24 6.40
CA GLU A 253 12.26 -3.09 5.23
C GLU A 253 12.87 -2.30 4.08
N LEU A 254 12.52 -0.99 3.99
CA LEU A 254 13.01 -0.05 2.99
C LEU A 254 14.49 0.12 3.22
N PHE A 255 14.87 0.53 4.42
CA PHE A 255 16.26 0.72 4.75
C PHE A 255 17.04 -0.58 4.88
N SER A 256 16.36 -1.72 4.98
CA SER A 256 16.99 -3.03 5.02
C SER A 256 17.17 -3.64 3.62
N LEU A 257 16.77 -2.92 2.55
CA LEU A 257 16.84 -3.34 1.15
C LEU A 257 16.04 -4.61 0.87
N GLY A 258 14.93 -4.78 1.59
CA GLY A 258 14.07 -5.93 1.37
C GLY A 258 13.83 -6.86 2.52
N SER A 259 14.79 -6.98 3.47
CA SER A 259 14.68 -7.92 4.60
C SER A 259 13.27 -8.02 5.24
N SER A 260 12.85 -9.25 5.59
CA SER A 260 11.53 -9.48 6.18
C SER A 260 11.49 -8.87 7.58
N PRO A 261 10.38 -8.23 7.99
CA PRO A 261 10.33 -7.68 9.34
C PRO A 261 10.43 -8.82 10.35
N TYR A 262 11.36 -8.73 11.35
CA TYR A 262 11.65 -9.83 12.32
C TYR A 262 12.03 -11.06 11.47
N PRO A 263 13.20 -10.99 10.78
CA PRO A 263 13.53 -11.98 9.75
C PRO A 263 13.76 -13.40 10.23
N GLY A 264 13.43 -14.35 9.35
CA GLY A 264 13.56 -15.80 9.57
C GLY A 264 12.76 -16.34 10.74
N MET A 265 12.03 -15.44 11.43
CA MET A 265 11.26 -15.71 12.62
C MET A 265 9.84 -16.18 12.40
N PRO A 266 9.43 -17.25 13.10
CA PRO A 266 8.05 -17.72 12.96
C PRO A 266 7.08 -16.87 13.78
N VAL A 267 5.89 -16.62 13.21
CA VAL A 267 4.90 -15.80 13.89
C VAL A 267 4.03 -16.64 14.77
N ASP A 268 4.57 -16.98 15.93
CA ASP A 268 3.94 -17.80 16.95
C ASP A 268 3.62 -16.98 18.22
N SER A 269 3.06 -17.63 19.25
CA SER A 269 2.71 -17.01 20.52
C SER A 269 3.93 -16.33 21.16
N LYS A 270 5.12 -16.97 21.07
CA LYS A 270 6.39 -16.43 21.58
C LYS A 270 6.64 -15.02 21.02
N PHE A 271 6.25 -14.80 19.75
CA PHE A 271 6.35 -13.53 19.06
C PHE A 271 5.46 -12.46 19.75
N TYR A 272 4.19 -12.80 20.06
CA TYR A 272 3.25 -11.84 20.65
C TYR A 272 3.66 -11.26 22.01
N LYS A 273 4.46 -12.01 22.79
CA LYS A 273 4.90 -11.53 24.10
C LYS A 273 5.93 -10.38 24.03
N MET A 274 7.08 -10.59 23.38
CA MET A 274 8.13 -9.56 23.33
C MET A 274 7.68 -8.25 22.64
N ILE A 275 6.75 -8.33 21.68
CA ILE A 275 6.22 -7.12 21.02
C ILE A 275 5.40 -6.28 22.02
N LYS A 276 4.47 -6.92 22.72
CA LYS A 276 3.68 -6.21 23.76
C LYS A 276 4.64 -5.69 24.83
N GLU A 277 5.67 -6.49 25.17
CA GLU A 277 6.66 -6.08 26.19
C GLU A 277 7.25 -4.71 25.82
N GLY A 278 7.65 -4.55 24.55
CA GLY A 278 8.24 -3.28 24.10
C GLY A 278 9.46 -3.53 23.22
N PHE A 279 9.58 -4.75 22.68
CA PHE A 279 10.77 -5.10 21.86
C PHE A 279 10.58 -4.61 20.42
N ARG A 280 11.48 -3.75 19.95
CA ARG A 280 11.44 -3.27 18.56
C ARG A 280 12.59 -3.88 17.71
N MET A 281 12.57 -3.63 16.39
CA MET A 281 13.60 -4.13 15.49
C MET A 281 14.85 -3.27 15.56
N LEU A 282 16.03 -3.87 15.37
CA LEU A 282 17.30 -3.14 15.34
C LEU A 282 17.40 -2.30 14.06
N SER A 283 18.18 -1.22 14.10
CA SER A 283 18.32 -0.35 12.93
C SER A 283 18.98 -1.05 11.77
N PRO A 284 18.42 -0.91 10.56
CA PRO A 284 19.07 -1.52 9.38
C PRO A 284 20.46 -0.93 9.11
N GLU A 285 21.38 -1.75 8.56
CA GLU A 285 22.76 -1.38 8.23
C GLU A 285 22.90 -0.13 7.35
N HIS A 286 21.80 0.29 6.72
CA HIS A 286 21.80 1.44 5.83
C HIS A 286 20.97 2.63 6.35
N ALA A 287 20.15 2.43 7.38
CA ALA A 287 19.28 3.49 7.88
C ALA A 287 19.99 4.65 8.58
N PRO A 288 19.83 5.89 8.08
CA PRO A 288 20.42 7.03 8.79
C PRO A 288 19.82 7.21 10.18
N ALA A 289 20.58 7.83 11.07
CA ALA A 289 20.20 8.03 12.47
C ALA A 289 18.82 8.67 12.68
N GLU A 290 18.50 9.72 11.92
CA GLU A 290 17.24 10.45 12.06
C GLU A 290 16.03 9.61 11.70
N MET A 291 16.21 8.74 10.70
CA MET A 291 15.20 7.82 10.19
C MET A 291 14.86 6.77 11.24
N TYR A 292 15.86 6.28 11.98
CA TYR A 292 15.58 5.28 13.01
C TYR A 292 14.79 5.90 14.18
N ASP A 293 15.05 7.18 14.51
CA ASP A 293 14.31 7.90 15.54
C ASP A 293 12.82 7.93 15.21
N ILE A 294 12.51 8.09 13.90
CA ILE A 294 11.18 8.12 13.33
C ILE A 294 10.51 6.77 13.50
N MET A 295 11.22 5.66 13.21
CA MET A 295 10.68 4.32 13.41
C MET A 295 10.37 4.08 14.89
N LYS A 296 11.21 4.65 15.80
CA LYS A 296 11.08 4.55 17.25
C LYS A 296 9.80 5.24 17.73
N THR A 297 9.54 6.48 17.27
CA THR A 297 8.32 7.19 17.66
C THR A 297 7.06 6.56 17.04
N CYS A 298 7.19 6.00 15.81
CA CYS A 298 6.11 5.28 15.14
C CYS A 298 5.80 4.03 15.97
N TRP A 299 6.85 3.33 16.42
CA TRP A 299 6.73 2.13 17.21
C TRP A 299 6.49 2.37 18.70
N ASP A 300 5.99 3.56 19.06
CA ASP A 300 5.66 3.87 20.44
C ASP A 300 4.50 2.99 20.90
N ALA A 301 4.46 2.62 22.19
CA ALA A 301 3.37 1.78 22.71
C ALA A 301 2.05 2.56 22.64
N ASP A 302 2.09 3.85 23.03
CA ASP A 302 0.95 4.74 23.02
C ASP A 302 0.68 5.24 21.61
N PRO A 303 -0.50 4.90 21.06
CA PRO A 303 -0.85 5.36 19.70
C PRO A 303 -0.95 6.88 19.56
N LEU A 304 -1.29 7.57 20.66
CA LEU A 304 -1.43 9.02 20.70
C LEU A 304 -0.09 9.73 20.78
N LYS A 305 0.97 9.07 21.29
CA LYS A 305 2.29 9.71 21.35
C LYS A 305 3.18 9.31 20.15
N ARG A 306 2.52 9.07 18.99
CA ARG A 306 3.12 8.72 17.71
C ARG A 306 3.01 9.93 16.77
N PRO A 307 4.00 10.15 15.89
CA PRO A 307 3.90 11.28 14.96
C PRO A 307 2.77 11.13 13.96
N THR A 308 2.18 12.24 13.55
CA THR A 308 1.14 12.22 12.53
C THR A 308 1.85 12.22 11.17
N PHE A 309 1.21 11.67 10.12
CA PHE A 309 1.81 11.62 8.79
C PHE A 309 2.24 12.99 8.27
N LYS A 310 1.55 14.06 8.72
CA LYS A 310 1.89 15.41 8.28
C LYS A 310 3.19 15.87 8.95
N GLN A 311 3.40 15.50 10.22
CA GLN A 311 4.61 15.85 10.97
C GLN A 311 5.83 15.07 10.44
N ILE A 312 5.61 13.81 10.00
CA ILE A 312 6.66 12.96 9.42
C ILE A 312 7.21 13.60 8.15
N VAL A 313 6.33 14.19 7.33
CA VAL A 313 6.69 14.87 6.09
C VAL A 313 7.66 15.99 6.38
N GLN A 314 7.40 16.76 7.44
CA GLN A 314 8.28 17.85 7.83
C GLN A 314 9.63 17.34 8.33
N LEU A 315 9.65 16.18 9.00
CA LEU A 315 10.91 15.61 9.47
C LEU A 315 11.75 15.08 8.31
N ILE A 316 11.14 14.40 7.33
CA ILE A 316 11.89 13.90 6.17
C ILE A 316 12.31 15.09 5.26
N GLU A 317 11.50 16.18 5.21
CA GLU A 317 11.83 17.41 4.50
C GLU A 317 13.09 18.03 5.11
N LYS A 318 13.18 18.02 6.44
CA LYS A 318 14.33 18.51 7.19
C LYS A 318 15.59 17.75 6.77
N GLN A 319 15.58 16.39 6.82
CA GLN A 319 16.71 15.55 6.44
C GLN A 319 17.08 15.63 4.95
N ILE A 320 16.12 16.00 4.10
CA ILE A 320 16.35 16.15 2.67
C ILE A 320 17.06 17.50 2.34
N SER A 321 16.85 18.52 3.20
CA SER A 321 17.51 19.82 3.07
C SER A 321 18.88 19.77 3.77
N GLU A 322 18.96 19.06 4.94
CA GLU A 322 20.21 18.84 5.70
C GLU A 322 21.30 18.25 4.80
N SER A 323 20.90 17.45 3.78
CA SER A 323 21.79 16.82 2.81
C SER A 323 22.12 17.73 1.62
N THR A 324 22.10 19.06 1.81
CA THR A 324 22.45 20.00 0.73
C THR A 324 23.52 21.02 1.19
#